data_4EWS
#
_entry.id   4EWS
#
_cell.length_a   69.600
_cell.length_b   69.323
_cell.length_c   188.233
_cell.angle_alpha   90.00
_cell.angle_beta   90.00
_cell.angle_gamma   90.00
#
_symmetry.space_group_name_H-M   'P 21 21 21'
#
loop_
_entity.id
_entity.type
_entity.pdbx_description
1 polymer CETP
2 branched alpha-D-mannopyranose-(1-4)-2-acetamido-2-deoxy-beta-D-glucopyranose-(1-4)-[alpha-L-fucopyranose-(1-6)]2-acetamido-2-deoxy-beta-D-glucopyranose
3 non-polymer 'CHOLESTERYL OLEATE'
4 non-polymer 1,2-DILINOLEOYL-SN-GLYCERO-3-PHOSPHOCHOLINE
5 non-polymer 'TRIETHYLENE GLYCOL'
6 non-polymer 'CHLORIDE ION'
7 non-polymer 'ethyl (2R,4S)-4-{[3,5-bis(trifluoromethyl)benzyl](methoxycarbonyl)amino}-2-ethyl-6-(trifluoromethyl)-3,4-dihydroquinoline-1(2H )-carboxylate'
8 water water
#
_entity_poly.entity_id   1
_entity_poly.type   'polypeptide(L)'
_entity_poly.pdbx_seq_one_letter_code
;ASKGTSHEAGIVCRITKPALLVLNHETAKVIQTAFQRASYPDITGEKAMMLLGQVKYGLHNIQISHLSIASSQVELVEAK
SIDVSIQDVSVVFKGTLKYGYTTAWWLGIDQSIDFEIDSAIDLQINTQLTADSGRVRTDAPDCYLSFHKLLLHLQGEREP
GWIKQLFTNFISFTLKLVLKGQICKEINVISNIMADFVQTRAASILSDGDIGVDISLTGDPVITASYLESHHKGHFIYKD
VSEDLPLPTFSPTLLGDSRMLYFWFSERVFHSLAKVAFQDGRLMLSLMGDEFKAVLETWGFNTNQEIFQEVVGGFPSQAQ
VTVHCLKMPKISCQNKGVVVDSSVMVKFLFPRPDQQHSVAYTFEEDIVTTVQASYSKKKLFLSLLDFQITPKTVSNLTES
SSESIQSFLQSMITAVGIPEVMSRLEVVFTALMNSKGVSLFDIINPEIITRDGFLLLQMDFGFPEHLLVDFLQSLS
;
_entity_poly.pdbx_strand_id   A
#
loop_
_chem_comp.id
_chem_comp.type
_chem_comp.name
_chem_comp.formula
0RP non-polymer 'ethyl (2R,4S)-4-{[3,5-bis(trifluoromethyl)benzyl](methoxycarbonyl)amino}-2-ethyl-6-(trifluoromethyl)-3,4-dihydroquinoline-1(2H )-carboxylate' 'C26 H25 F9 N2 O4'
2OB non-polymer 'CHOLESTERYL OLEATE' 'C45 H78 O2'
CL non-polymer 'CHLORIDE ION' 'Cl -1'
DLP non-polymer 1,2-DILINOLEOYL-SN-GLYCERO-3-PHOSPHOCHOLINE 'C44 H80 N O8 P'
FUC L-saccharide, alpha linking alpha-L-fucopyranose 'C6 H12 O5'
MAN D-saccharide, alpha linking alpha-D-mannopyranose 'C6 H12 O6'
NAG D-saccharide, beta linking 2-acetamido-2-deoxy-beta-D-glucopyranose 'C8 H15 N O6'
PGE non-polymer 'TRIETHYLENE GLYCOL' 'C6 H14 O4'
#
# COMPACT_ATOMS: atom_id res chain seq x y z
N THR A 5 -9.20 8.97 -24.04
CA THR A 5 -8.22 7.88 -23.98
C THR A 5 -8.82 6.63 -23.26
N SER A 6 -8.27 5.44 -23.58
CA SER A 6 -8.69 4.14 -23.02
C SER A 6 -7.45 3.30 -22.62
N HIS A 7 -7.60 2.40 -21.63
CA HIS A 7 -6.48 1.59 -21.13
C HIS A 7 -6.83 0.12 -20.90
N GLU A 8 -5.83 -0.79 -21.07
CA GLU A 8 -5.96 -2.24 -20.83
C GLU A 8 -5.36 -2.55 -19.46
N ALA A 9 -6.21 -3.09 -18.54
CA ALA A 9 -5.81 -3.39 -17.17
C ALA A 9 -6.90 -4.19 -16.47
N GLY A 10 -6.48 -4.99 -15.50
CA GLY A 10 -7.41 -5.73 -14.65
C GLY A 10 -7.70 -4.94 -13.37
N ILE A 11 -6.72 -4.12 -12.94
CA ILE A 11 -6.82 -3.26 -11.75
C ILE A 11 -6.35 -1.85 -12.11
N VAL A 12 -6.98 -0.80 -11.53
CA VAL A 12 -6.60 0.61 -11.74
C VAL A 12 -6.57 1.34 -10.41
N CYS A 13 -5.53 2.13 -10.18
CA CYS A 13 -5.32 2.94 -8.98
C CYS A 13 -5.34 4.42 -9.36
N ARG A 14 -6.14 5.24 -8.67
CA ARG A 14 -6.17 6.67 -8.93
C ARG A 14 -5.99 7.48 -7.67
N ILE A 15 -4.85 8.18 -7.55
CA ILE A 15 -4.49 9.08 -6.46
C ILE A 15 -4.81 10.50 -6.97
N THR A 16 -5.70 11.24 -6.27
CA THR A 16 -6.08 12.57 -6.74
C THR A 16 -5.30 13.74 -6.08
N LYS A 17 -5.57 14.98 -6.54
CA LYS A 17 -4.96 16.20 -6.00
C LYS A 17 -5.26 16.31 -4.48
N PRO A 18 -6.51 16.08 -3.97
CA PRO A 18 -6.72 16.13 -2.51
C PRO A 18 -5.84 15.18 -1.71
N ALA A 19 -5.47 14.00 -2.27
CA ALA A 19 -4.56 13.06 -1.59
C ALA A 19 -3.17 13.70 -1.49
N LEU A 20 -2.67 14.29 -2.62
CA LEU A 20 -1.36 14.95 -2.70
C LEU A 20 -1.25 16.12 -1.75
N LEU A 21 -2.37 16.87 -1.58
CA LEU A 21 -2.44 17.98 -0.63
C LEU A 21 -2.20 17.49 0.80
N VAL A 22 -2.80 16.35 1.19
CA VAL A 22 -2.55 15.79 2.52
C VAL A 22 -1.10 15.29 2.67
N LEU A 23 -0.57 14.63 1.64
CA LEU A 23 0.79 14.09 1.64
C LEU A 23 1.86 15.19 1.64
N ASN A 24 1.50 16.40 1.13
CA ASN A 24 2.40 17.57 1.07
C ASN A 24 2.80 18.08 2.47
N HIS A 25 2.05 17.70 3.51
CA HIS A 25 2.38 18.08 4.87
C HIS A 25 3.61 17.32 5.41
N GLU A 26 4.09 16.32 4.65
CA GLU A 26 5.25 15.49 4.99
C GLU A 26 6.44 15.72 4.05
N THR A 27 6.28 16.55 3.02
CA THR A 27 7.33 16.88 2.05
C THR A 27 8.58 17.39 2.78
N ALA A 28 8.41 18.27 3.78
CA ALA A 28 9.51 18.85 4.55
C ALA A 28 10.36 17.78 5.23
N LYS A 29 9.71 16.70 5.73
CA LYS A 29 10.35 15.57 6.42
C LYS A 29 11.28 14.82 5.47
N VAL A 30 10.87 14.71 4.21
CA VAL A 30 11.57 14.02 3.13
C VAL A 30 12.73 14.87 2.67
N ILE A 31 12.47 16.19 2.46
CA ILE A 31 13.49 17.15 2.06
C ILE A 31 14.55 17.26 3.15
N GLN A 32 14.15 17.24 4.44
CA GLN A 32 15.05 17.27 5.59
C GLN A 32 15.97 16.05 5.58
N THR A 33 15.40 14.87 5.32
CA THR A 33 16.10 13.60 5.25
C THR A 33 17.10 13.65 4.10
N ALA A 34 16.69 14.22 2.94
CA ALA A 34 17.57 14.37 1.77
C ALA A 34 18.83 15.16 2.11
N PHE A 35 18.68 16.30 2.81
CA PHE A 35 19.82 17.11 3.22
C PHE A 35 20.67 16.33 4.20
N GLN A 36 20.02 15.63 5.12
CA GLN A 36 20.69 14.83 6.15
C GLN A 36 21.43 13.59 5.60
N ARG A 37 21.13 13.19 4.36
CA ARG A 37 21.73 12.01 3.73
C ARG A 37 22.93 12.36 2.85
N ALA A 38 22.97 13.62 2.38
CA ALA A 38 23.99 14.12 1.47
C ALA A 38 25.39 14.17 2.10
N SER A 39 26.41 13.88 1.26
CA SER A 39 27.80 13.89 1.64
C SER A 39 28.51 15.04 0.94
N TYR A 40 28.86 16.06 1.73
CA TYR A 40 29.51 17.28 1.27
C TYR A 40 31.02 17.11 1.32
N PRO A 41 31.70 17.03 0.14
CA PRO A 41 33.17 16.88 0.15
C PRO A 41 33.90 18.16 0.58
N ASP A 42 35.18 18.04 1.01
CA ASP A 42 35.95 19.21 1.44
C ASP A 42 36.26 20.14 0.25
N ILE A 43 36.21 21.48 0.45
CA ILE A 43 36.52 22.47 -0.59
C ILE A 43 37.92 23.00 -0.27
N THR A 44 38.91 22.62 -1.10
CA THR A 44 40.30 23.02 -0.90
C THR A 44 40.87 23.74 -2.14
N GLY A 45 41.99 24.42 -1.94
CA GLY A 45 42.70 25.16 -2.96
C GLY A 45 43.93 25.87 -2.43
N GLU A 46 44.52 26.71 -3.31
CA GLU A 46 45.70 27.52 -3.06
C GLU A 46 45.72 28.61 -4.14
N LYS A 47 45.43 29.86 -3.74
CA LYS A 47 45.41 31.02 -4.64
C LYS A 47 46.32 32.11 -4.09
N ALA A 48 46.79 32.99 -4.98
CA ALA A 48 47.60 34.14 -4.59
C ALA A 48 46.59 35.21 -4.17
N MET A 49 46.67 35.64 -2.90
CA MET A 49 45.80 36.67 -2.37
C MET A 49 46.55 38.00 -2.45
N MET A 50 45.78 39.09 -2.67
CA MET A 50 46.21 40.49 -2.74
C MET A 50 47.14 40.75 -1.55
N LEU A 51 48.39 41.18 -1.83
CA LEU A 51 49.44 41.53 -0.85
C LEU A 51 49.95 40.40 0.08
N LEU A 52 49.36 39.20 0.04
CA LEU A 52 49.74 38.09 0.92
C LEU A 52 50.48 36.93 0.25
N GLY A 53 50.36 36.81 -1.07
CA GLY A 53 50.99 35.75 -1.84
C GLY A 53 50.23 34.45 -1.71
N GLN A 54 50.92 33.28 -1.78
CA GLN A 54 50.23 31.98 -1.70
C GLN A 54 49.63 31.66 -0.35
N VAL A 55 48.29 31.39 -0.34
CA VAL A 55 47.51 31.01 0.83
C VAL A 55 46.80 29.68 0.49
N LYS A 56 47.31 28.56 1.07
CA LYS A 56 46.76 27.20 0.93
C LYS A 56 45.61 27.06 1.94
N TYR A 57 44.40 26.79 1.48
CA TYR A 57 43.20 26.70 2.33
C TYR A 57 42.42 25.40 2.16
N GLY A 58 41.44 25.20 3.05
CA GLY A 58 40.52 24.07 3.06
C GLY A 58 39.34 24.20 4.00
N LEU A 59 38.14 23.97 3.47
CA LEU A 59 36.88 23.94 4.23
C LEU A 59 36.61 22.46 4.48
N HIS A 60 36.81 22.00 5.72
CA HIS A 60 36.70 20.59 6.06
C HIS A 60 35.57 20.27 6.98
N ASN A 61 35.11 18.99 6.94
CA ASN A 61 34.08 18.42 7.79
C ASN A 61 32.75 19.22 7.72
N ILE A 62 32.32 19.56 6.49
CA ILE A 62 31.04 20.27 6.27
C ILE A 62 29.85 19.35 6.70
N GLN A 63 29.18 19.70 7.82
CA GLN A 63 28.06 19.02 8.47
C GLN A 63 26.94 20.05 8.63
N ILE A 64 25.66 19.61 8.64
CA ILE A 64 24.51 20.50 8.85
C ILE A 64 24.32 20.66 10.36
N SER A 65 24.09 21.90 10.84
CA SER A 65 23.89 22.23 12.25
C SER A 65 22.43 22.65 12.55
N HIS A 66 21.70 23.09 11.51
CA HIS A 66 20.30 23.52 11.60
C HIS A 66 19.63 23.38 10.26
N LEU A 67 18.35 23.00 10.28
CA LEU A 67 17.50 22.86 9.09
C LEU A 67 16.10 23.29 9.42
N SER A 68 15.44 23.96 8.46
CA SER A 68 14.04 24.41 8.59
C SER A 68 13.39 24.73 7.23
N ILE A 69 12.38 23.97 6.85
CA ILE A 69 11.65 24.25 5.62
C ILE A 69 10.42 25.09 6.02
N ALA A 70 10.21 26.25 5.39
CA ALA A 70 9.08 27.12 5.67
C ALA A 70 7.74 26.54 5.18
N SER A 71 7.62 26.23 3.87
CA SER A 71 6.39 25.70 3.27
C SER A 71 6.66 25.01 1.95
N SER A 72 5.82 24.03 1.60
CA SER A 72 5.90 23.35 0.31
C SER A 72 4.54 23.33 -0.38
N GLN A 73 4.55 23.34 -1.73
CA GLN A 73 3.35 23.30 -2.56
C GLN A 73 3.54 22.32 -3.69
N VAL A 74 2.48 21.55 -4.01
CA VAL A 74 2.48 20.53 -5.06
C VAL A 74 1.47 20.88 -6.17
N GLU A 75 1.88 20.68 -7.43
CA GLU A 75 1.09 20.96 -8.59
C GLU A 75 1.23 19.83 -9.59
N LEU A 76 0.11 19.37 -10.13
CA LEU A 76 0.12 18.35 -11.16
C LEU A 76 0.25 18.99 -12.54
N VAL A 77 1.27 18.61 -13.31
CA VAL A 77 1.44 19.15 -14.64
C VAL A 77 1.05 18.05 -15.61
N GLU A 78 -0.10 18.26 -16.30
CA GLU A 78 -0.74 17.39 -17.27
C GLU A 78 0.24 16.80 -18.26
N ALA A 79 0.24 15.45 -18.35
CA ALA A 79 1.07 14.61 -19.21
C ALA A 79 2.57 14.73 -18.95
N LYS A 80 2.99 15.61 -18.01
CA LYS A 80 4.39 15.89 -17.73
C LYS A 80 4.94 15.35 -16.40
N SER A 81 4.65 16.02 -15.27
CA SER A 81 5.24 15.65 -13.99
C SER A 81 4.43 16.10 -12.77
N ILE A 82 4.94 15.77 -11.56
CA ILE A 82 4.45 16.18 -10.23
C ILE A 82 5.48 17.25 -9.79
N ASP A 83 5.03 18.51 -9.74
CA ASP A 83 5.87 19.64 -9.43
C ASP A 83 5.78 20.09 -7.99
N VAL A 84 6.88 19.91 -7.22
CA VAL A 84 6.91 20.36 -5.84
C VAL A 84 7.85 21.55 -5.65
N SER A 85 7.34 22.60 -5.00
CA SER A 85 8.07 23.83 -4.71
C SER A 85 8.29 23.87 -3.23
N ILE A 86 9.52 24.08 -2.80
CA ILE A 86 9.84 24.23 -1.38
C ILE A 86 10.40 25.65 -1.22
N GLN A 87 9.77 26.45 -0.37
CA GLN A 87 10.21 27.81 -0.15
C GLN A 87 10.86 27.94 1.19
N ASP A 88 11.90 28.77 1.23
CA ASP A 88 12.70 29.15 2.40
C ASP A 88 13.19 27.99 3.26
N VAL A 89 14.10 27.17 2.71
CA VAL A 89 14.73 26.11 3.48
C VAL A 89 15.98 26.72 4.11
N SER A 90 15.87 27.06 5.42
CA SER A 90 16.95 27.68 6.18
C SER A 90 17.96 26.63 6.62
N VAL A 91 19.15 26.60 5.97
CA VAL A 91 20.24 25.66 6.26
C VAL A 91 21.44 26.34 6.91
N VAL A 92 21.99 25.68 7.93
CA VAL A 92 23.18 26.15 8.62
C VAL A 92 24.18 25.03 8.67
N PHE A 93 25.31 25.22 7.99
CA PHE A 93 26.41 24.28 7.90
C PHE A 93 27.50 24.72 8.86
N LYS A 94 28.27 23.76 9.36
CA LYS A 94 29.39 23.97 10.26
C LYS A 94 30.58 23.20 9.67
N GLY A 95 31.78 23.54 10.10
CA GLY A 95 33.00 22.93 9.61
C GLY A 95 34.22 23.65 10.14
N THR A 96 35.40 23.31 9.61
CA THR A 96 36.68 23.87 10.01
C THR A 96 37.40 24.46 8.82
N LEU A 97 37.88 25.71 8.94
CA LEU A 97 38.64 26.35 7.90
C LEU A 97 40.09 26.23 8.32
N LYS A 98 40.89 25.57 7.49
CA LYS A 98 42.30 25.36 7.76
C LYS A 98 43.12 26.00 6.65
N TYR A 99 44.10 26.85 7.03
CA TYR A 99 44.93 27.54 6.04
C TYR A 99 46.35 27.76 6.52
N GLY A 100 47.18 28.27 5.61
CA GLY A 100 48.58 28.60 5.87
C GLY A 100 49.12 29.61 4.87
N TYR A 101 49.97 30.56 5.34
CA TYR A 101 50.62 31.56 4.49
C TYR A 101 51.89 30.92 3.96
N THR A 102 51.80 30.40 2.73
CA THR A 102 52.83 29.64 2.02
C THR A 102 54.03 30.50 1.69
N THR A 103 53.81 31.64 0.99
CA THR A 103 54.89 32.53 0.59
C THR A 103 55.33 33.46 1.72
N ALA A 104 54.36 34.00 2.48
CA ALA A 104 54.59 34.89 3.64
C ALA A 104 54.74 34.09 4.93
N TRP A 105 55.79 33.26 4.98
CA TRP A 105 56.20 32.42 6.11
C TRP A 105 56.46 33.22 7.40
N TRP A 106 56.76 34.52 7.26
CA TRP A 106 57.05 35.47 8.33
C TRP A 106 55.81 35.81 9.15
N LEU A 107 54.61 35.57 8.56
CA LEU A 107 53.29 35.79 9.15
C LEU A 107 52.84 34.70 10.15
N GLY A 108 53.74 33.83 10.56
CA GLY A 108 53.45 32.80 11.54
C GLY A 108 52.86 31.48 11.08
N ILE A 109 52.48 30.67 12.09
CA ILE A 109 51.95 29.30 12.01
C ILE A 109 50.60 29.14 11.30
N ASP A 110 50.32 27.91 10.84
CA ASP A 110 49.09 27.53 10.15
C ASP A 110 47.89 27.59 11.09
N GLN A 111 46.71 27.90 10.53
CA GLN A 111 45.50 28.12 11.31
C GLN A 111 44.43 27.07 11.14
N SER A 112 43.48 27.06 12.09
CA SER A 112 42.32 26.19 12.12
C SER A 112 41.19 26.98 12.78
N ILE A 113 40.20 27.44 11.96
CA ILE A 113 39.07 28.26 12.41
C ILE A 113 37.75 27.53 12.13
N ASP A 114 36.92 27.40 13.15
CA ASP A 114 35.60 26.77 13.02
C ASP A 114 34.65 27.83 12.44
N PHE A 115 33.95 27.48 11.37
CA PHE A 115 33.04 28.39 10.69
C PHE A 115 31.61 27.87 10.65
N GLU A 116 30.68 28.75 10.28
CA GLU A 116 29.27 28.43 10.04
C GLU A 116 28.89 29.07 8.72
N ILE A 117 28.13 28.35 7.87
CA ILE A 117 27.62 28.88 6.60
C ILE A 117 26.10 28.94 6.73
N ASP A 118 25.54 30.14 6.69
CA ASP A 118 24.11 30.39 6.81
C ASP A 118 23.53 30.58 5.42
N SER A 119 22.70 29.62 4.96
CA SER A 119 22.08 29.69 3.64
C SER A 119 20.56 29.51 3.64
N ALA A 120 19.88 30.24 2.73
CA ALA A 120 18.43 30.15 2.52
C ALA A 120 18.24 29.73 1.07
N ILE A 121 17.52 28.63 0.87
CA ILE A 121 17.30 28.12 -0.48
C ILE A 121 15.81 27.94 -0.80
N ASP A 122 15.46 28.11 -2.08
CA ASP A 122 14.14 27.82 -2.64
C ASP A 122 14.41 26.70 -3.65
N LEU A 123 13.59 25.64 -3.60
CA LEU A 123 13.71 24.44 -4.43
C LEU A 123 12.51 24.18 -5.36
N GLN A 124 12.75 23.47 -6.43
CA GLN A 124 11.72 23.09 -7.39
C GLN A 124 12.10 21.71 -7.87
N ILE A 125 11.29 20.69 -7.51
CA ILE A 125 11.53 19.30 -7.92
C ILE A 125 10.34 18.86 -8.77
N ASN A 126 10.63 18.52 -10.04
CA ASN A 126 9.64 18.08 -11.03
C ASN A 126 9.90 16.62 -11.30
N THR A 127 9.09 15.74 -10.65
CA THR A 127 9.22 14.30 -10.74
C THR A 127 8.38 13.71 -11.84
N GLN A 128 9.03 12.96 -12.73
CA GLN A 128 8.42 12.25 -13.85
C GLN A 128 8.20 10.79 -13.44
N LEU A 129 7.01 10.24 -13.68
CA LEU A 129 6.73 8.84 -13.37
C LEU A 129 6.72 7.98 -14.61
N THR A 130 7.47 6.88 -14.58
CA THR A 130 7.56 5.95 -15.70
C THR A 130 7.47 4.50 -15.26
N ALA A 131 7.19 3.62 -16.20
CA ALA A 131 7.14 2.19 -15.98
C ALA A 131 8.53 1.66 -16.28
N ASP A 132 9.17 1.07 -15.27
CA ASP A 132 10.47 0.42 -15.39
C ASP A 132 10.29 -1.00 -14.93
N SER A 133 10.38 -1.93 -15.90
CA SER A 133 10.26 -3.37 -15.68
C SER A 133 9.05 -3.81 -14.79
N GLY A 134 7.88 -3.22 -15.07
CA GLY A 134 6.64 -3.52 -14.37
C GLY A 134 6.27 -2.59 -13.23
N ARG A 135 7.27 -1.94 -12.62
CA ARG A 135 7.15 -1.05 -11.47
C ARG A 135 7.25 0.43 -11.85
N VAL A 136 6.65 1.31 -11.02
CA VAL A 136 6.75 2.75 -11.22
C VAL A 136 8.06 3.24 -10.64
N ARG A 137 8.86 3.90 -11.51
CA ARG A 137 10.13 4.50 -11.13
C ARG A 137 9.93 6.02 -11.16
N THR A 138 10.67 6.75 -10.33
CA THR A 138 10.59 8.21 -10.24
C THR A 138 11.91 8.80 -10.69
N ASP A 139 11.88 9.82 -11.58
CA ASP A 139 13.07 10.53 -12.07
C ASP A 139 12.83 12.03 -12.03
N ALA A 140 13.68 12.75 -11.29
CA ALA A 140 13.61 14.20 -11.17
C ALA A 140 14.91 14.85 -11.74
N PRO A 141 15.01 14.98 -13.09
CA PRO A 141 16.21 15.60 -13.66
C PRO A 141 16.05 17.12 -13.63
N ASP A 142 14.82 17.63 -13.45
CA ASP A 142 14.50 19.05 -13.37
C ASP A 142 14.34 19.33 -11.90
N CYS A 143 15.47 19.53 -11.28
CA CYS A 143 15.63 19.83 -9.88
C CYS A 143 16.41 21.16 -9.92
N TYR A 144 15.82 22.22 -9.31
CA TYR A 144 16.35 23.59 -9.33
C TYR A 144 16.57 24.16 -7.94
N LEU A 145 17.59 24.99 -7.79
CA LEU A 145 17.89 25.66 -6.53
C LEU A 145 18.05 27.15 -6.78
N SER A 146 17.44 27.96 -5.92
CA SER A 146 17.54 29.43 -5.90
C SER A 146 18.02 29.85 -4.48
N PHE A 147 19.23 30.37 -4.37
CA PHE A 147 19.81 30.78 -3.09
C PHE A 147 19.42 32.19 -2.71
N HIS A 148 18.87 32.38 -1.50
CA HIS A 148 18.45 33.68 -0.92
C HIS A 148 19.57 34.34 -0.11
N LYS A 149 20.40 33.52 0.56
CA LYS A 149 21.58 33.96 1.30
C LYS A 149 22.61 32.86 1.34
N LEU A 150 23.91 33.25 1.41
CA LEU A 150 25.03 32.34 1.48
C LEU A 150 26.16 33.08 2.16
N LEU A 151 26.06 33.17 3.49
CA LEU A 151 26.99 33.91 4.34
C LEU A 151 27.88 32.98 5.17
N LEU A 152 29.16 33.34 5.29
CA LEU A 152 30.15 32.64 6.09
C LEU A 152 30.32 33.43 7.38
N HIS A 153 30.45 32.73 8.51
CA HIS A 153 30.68 33.35 9.83
C HIS A 153 31.77 32.53 10.47
N LEU A 154 32.93 33.14 10.73
CA LEU A 154 34.07 32.46 11.33
C LEU A 154 34.17 32.80 12.80
N GLN A 155 34.56 31.80 13.62
CA GLN A 155 34.71 31.90 15.07
C GLN A 155 35.52 33.11 15.45
N GLY A 156 34.97 33.90 16.35
CA GLY A 156 35.57 35.12 16.87
C GLY A 156 35.49 36.32 15.96
N GLU A 157 34.80 36.19 14.79
CA GLU A 157 34.65 37.22 13.76
C GLU A 157 36.03 37.66 13.22
N ARG A 158 36.94 36.70 13.08
CA ARG A 158 38.28 36.94 12.59
C ARG A 158 38.26 37.25 11.11
N GLU A 159 39.13 38.18 10.66
CA GLU A 159 39.29 38.57 9.26
C GLU A 159 40.67 39.15 8.95
N PRO A 160 41.57 38.33 8.37
CA PRO A 160 42.89 38.85 7.95
C PRO A 160 42.77 39.79 6.76
N GLY A 161 41.74 39.57 5.92
CA GLY A 161 41.47 40.39 4.76
C GLY A 161 41.23 39.59 3.50
N TRP A 162 41.58 38.32 3.51
CA TRP A 162 41.42 37.45 2.35
C TRP A 162 40.21 36.48 2.40
N ILE A 163 39.64 36.21 3.61
CA ILE A 163 38.55 35.24 3.79
C ILE A 163 37.22 35.55 3.09
N LYS A 164 36.56 36.68 3.43
CA LYS A 164 35.26 37.09 2.85
C LYS A 164 35.28 37.14 1.33
N GLN A 165 36.34 37.71 0.73
CA GLN A 165 36.51 37.80 -0.72
C GLN A 165 36.73 36.45 -1.39
N LEU A 166 37.56 35.56 -0.80
CA LEU A 166 37.75 34.20 -1.32
C LEU A 166 36.44 33.42 -1.20
N PHE A 167 35.62 33.75 -0.18
CA PHE A 167 34.34 33.07 -0.02
C PHE A 167 33.30 33.63 -1.00
N THR A 168 33.25 34.96 -1.21
CA THR A 168 32.33 35.64 -2.13
C THR A 168 32.68 35.30 -3.58
N ASN A 169 33.95 35.47 -3.96
CA ASN A 169 34.45 35.04 -5.26
C ASN A 169 34.74 33.54 -5.06
N PHE A 170 35.21 32.81 -6.07
CA PHE A 170 35.56 31.38 -5.97
C PHE A 170 34.59 30.40 -5.23
N ILE A 171 34.77 30.20 -3.90
CA ILE A 171 34.05 29.27 -2.98
C ILE A 171 32.51 29.26 -3.02
N SER A 172 31.86 30.45 -2.94
CA SER A 172 30.40 30.60 -2.96
C SER A 172 29.76 29.76 -4.10
N PHE A 173 30.29 29.95 -5.32
CA PHE A 173 29.89 29.32 -6.55
C PHE A 173 29.95 27.81 -6.50
N THR A 174 31.11 27.27 -6.13
CA THR A 174 31.33 25.81 -6.11
C THR A 174 30.42 25.14 -5.10
N LEU A 175 30.29 25.75 -3.89
CA LEU A 175 29.45 25.27 -2.79
C LEU A 175 27.97 25.15 -3.23
N LYS A 176 27.48 26.15 -3.99
CA LYS A 176 26.13 26.19 -4.55
C LYS A 176 25.95 24.99 -5.47
N LEU A 177 26.99 24.69 -6.28
CA LEU A 177 26.96 23.56 -7.19
C LEU A 177 27.16 22.20 -6.54
N VAL A 178 27.91 22.14 -5.43
CA VAL A 178 28.10 20.88 -4.68
C VAL A 178 26.77 20.52 -4.05
N LEU A 179 26.14 21.53 -3.38
CA LEU A 179 24.83 21.39 -2.74
C LEU A 179 23.74 20.92 -3.68
N LYS A 180 23.56 21.58 -4.84
CA LYS A 180 22.53 21.16 -5.79
C LYS A 180 22.76 19.73 -6.24
N GLY A 181 24.01 19.43 -6.60
CA GLY A 181 24.42 18.10 -7.04
C GLY A 181 24.16 17.01 -6.02
N GLN A 182 24.34 17.30 -4.73
CA GLN A 182 24.11 16.27 -3.72
C GLN A 182 22.63 16.15 -3.36
N ILE A 183 21.98 17.29 -3.08
CA ILE A 183 20.56 17.37 -2.66
C ILE A 183 19.63 16.73 -3.66
N CYS A 184 19.79 17.04 -4.95
CA CYS A 184 18.97 16.48 -6.03
C CYS A 184 19.17 14.99 -6.19
N LYS A 185 20.43 14.52 -6.07
CA LYS A 185 20.77 13.10 -6.13
C LYS A 185 20.00 12.40 -5.00
N GLU A 186 20.15 12.89 -3.75
CA GLU A 186 19.47 12.35 -2.57
C GLU A 186 17.96 12.37 -2.66
N ILE A 187 17.35 13.46 -3.17
CA ILE A 187 15.88 13.56 -3.37
C ILE A 187 15.44 12.40 -4.30
N ASN A 188 16.13 12.22 -5.44
CA ASN A 188 15.89 11.12 -6.39
C ASN A 188 16.03 9.72 -5.73
N VAL A 189 16.99 9.52 -4.79
CA VAL A 189 17.15 8.20 -4.15
C VAL A 189 16.05 7.89 -3.19
N ILE A 190 15.81 8.84 -2.26
CA ILE A 190 14.72 8.75 -1.28
C ILE A 190 13.39 8.58 -2.00
N SER A 191 13.15 9.35 -3.10
CA SER A 191 11.95 9.27 -3.90
C SER A 191 11.74 7.86 -4.50
N ASN A 192 12.81 7.22 -5.01
CA ASN A 192 12.73 5.87 -5.54
C ASN A 192 12.59 4.83 -4.43
N ILE A 193 13.22 5.08 -3.25
CA ILE A 193 13.14 4.20 -2.09
C ILE A 193 11.69 4.12 -1.64
N MET A 194 10.98 5.27 -1.64
CA MET A 194 9.57 5.37 -1.27
C MET A 194 8.70 4.59 -2.24
N ALA A 195 8.84 4.86 -3.56
CA ALA A 195 8.16 4.20 -4.67
C ALA A 195 8.32 2.70 -4.51
N ASP A 196 9.57 2.23 -4.36
CA ASP A 196 9.87 0.82 -4.19
C ASP A 196 9.14 0.22 -2.99
N PHE A 197 9.20 0.91 -1.83
CA PHE A 197 8.59 0.49 -0.57
C PHE A 197 7.07 0.39 -0.63
N VAL A 198 6.41 1.39 -1.25
CA VAL A 198 4.96 1.50 -1.42
C VAL A 198 4.46 0.33 -2.27
N GLN A 199 5.20 0.03 -3.35
CA GLN A 199 4.86 -1.03 -4.30
C GLN A 199 5.05 -2.43 -3.73
N THR A 200 6.06 -2.59 -2.84
CA THR A 200 6.37 -3.85 -2.16
C THR A 200 5.30 -4.18 -1.11
N ARG A 201 4.82 -3.13 -0.41
CA ARG A 201 3.76 -3.19 0.58
C ARG A 201 2.42 -3.48 -0.12
N ALA A 202 2.17 -2.89 -1.32
CA ALA A 202 0.96 -3.12 -2.12
C ALA A 202 0.92 -4.54 -2.65
N ALA A 203 2.08 -5.08 -3.04
CA ALA A 203 2.17 -6.46 -3.55
C ALA A 203 2.03 -7.46 -2.40
N SER A 204 2.43 -7.04 -1.17
CA SER A 204 2.34 -7.85 0.03
C SER A 204 0.88 -7.95 0.45
N ILE A 205 0.14 -6.83 0.32
CA ILE A 205 -1.27 -6.78 0.68
C ILE A 205 -2.07 -7.69 -0.22
N LEU A 206 -1.73 -7.70 -1.52
CA LEU A 206 -2.41 -8.53 -2.51
C LEU A 206 -1.80 -9.92 -2.64
N SER A 207 -1.39 -10.54 -1.50
CA SER A 207 -0.81 -11.88 -1.47
C SER A 207 -0.98 -12.62 -0.14
N ASP A 208 -1.11 -13.97 -0.22
CA ASP A 208 -1.20 -14.90 0.92
C ASP A 208 -0.69 -16.30 0.51
N GLY A 209 0.48 -16.65 1.04
CA GLY A 209 1.16 -17.91 0.78
C GLY A 209 1.53 -18.07 -0.68
N ASP A 210 0.97 -19.12 -1.34
CA ASP A 210 1.23 -19.39 -2.75
C ASP A 210 0.34 -18.54 -3.66
N ILE A 211 -0.53 -17.69 -3.07
CA ILE A 211 -1.42 -16.82 -3.83
C ILE A 211 -0.91 -15.40 -3.78
N GLY A 212 -0.87 -14.77 -4.93
CA GLY A 212 -0.48 -13.38 -5.13
C GLY A 212 -1.17 -12.83 -6.36
N VAL A 213 -1.05 -11.52 -6.57
CA VAL A 213 -1.60 -10.88 -7.76
C VAL A 213 -0.50 -10.11 -8.48
N ASP A 214 -0.48 -10.19 -9.83
CA ASP A 214 0.51 -9.50 -10.62
C ASP A 214 0.00 -8.09 -10.89
N ILE A 215 0.56 -7.12 -10.14
CA ILE A 215 0.25 -5.69 -10.23
C ILE A 215 1.20 -4.94 -11.13
N SER A 216 1.90 -5.68 -12.02
CA SER A 216 2.81 -5.11 -13.02
C SER A 216 2.04 -4.10 -13.84
N LEU A 217 2.68 -2.98 -14.15
CA LEU A 217 2.07 -1.92 -14.94
C LEU A 217 1.77 -2.40 -16.36
N THR A 218 0.80 -1.78 -17.05
CA THR A 218 0.42 -2.09 -18.42
C THR A 218 0.91 -0.95 -19.38
N GLY A 219 1.29 0.19 -18.79
CA GLY A 219 1.80 1.39 -19.42
C GLY A 219 2.27 2.39 -18.38
N ASP A 220 2.90 3.50 -18.81
CA ASP A 220 3.42 4.50 -17.86
C ASP A 220 2.28 5.17 -17.08
N PRO A 221 2.48 5.54 -15.79
CA PRO A 221 1.37 6.20 -15.05
C PRO A 221 0.83 7.46 -15.73
N VAL A 222 -0.46 7.77 -15.50
CA VAL A 222 -1.09 8.95 -16.11
C VAL A 222 -1.06 10.17 -15.21
N ILE A 223 -0.67 11.32 -15.77
CA ILE A 223 -0.68 12.58 -15.04
C ILE A 223 -1.62 13.54 -15.76
N THR A 224 -2.65 13.98 -15.03
CA THR A 224 -3.62 15.01 -15.43
C THR A 224 -3.46 16.11 -14.39
N ALA A 225 -4.19 17.21 -14.50
CA ALA A 225 -4.07 18.23 -13.46
C ALA A 225 -4.99 17.93 -12.26
N SER A 226 -5.83 16.88 -12.38
CA SER A 226 -6.76 16.45 -11.34
C SER A 226 -6.24 15.27 -10.54
N TYR A 227 -5.47 14.36 -11.20
CA TYR A 227 -5.05 13.10 -10.60
C TYR A 227 -3.82 12.43 -11.20
N LEU A 228 -3.37 11.38 -10.51
CA LEU A 228 -2.28 10.46 -10.86
C LEU A 228 -2.99 9.12 -11.09
N GLU A 229 -2.61 8.35 -12.11
CA GLU A 229 -3.31 7.09 -12.34
C GLU A 229 -2.38 6.03 -12.88
N SER A 230 -2.45 4.82 -12.29
CA SER A 230 -1.63 3.67 -12.70
C SER A 230 -2.50 2.46 -13.01
N HIS A 231 -2.22 1.79 -14.14
CA HIS A 231 -2.97 0.65 -14.65
C HIS A 231 -2.18 -0.64 -14.49
N HIS A 232 -2.79 -1.67 -13.88
CA HIS A 232 -2.13 -2.93 -13.51
C HIS A 232 -2.73 -4.17 -14.17
N LYS A 233 -1.89 -5.20 -14.38
CA LYS A 233 -2.31 -6.46 -15.01
C LYS A 233 -3.44 -7.13 -14.23
N GLY A 234 -3.21 -7.40 -12.94
CA GLY A 234 -4.21 -8.02 -12.06
C GLY A 234 -4.34 -9.52 -12.18
N HIS A 235 -3.49 -10.14 -13.02
CA HIS A 235 -3.42 -11.59 -13.23
C HIS A 235 -2.98 -12.22 -11.91
N PHE A 236 -3.65 -13.29 -11.49
CA PHE A 236 -3.28 -13.98 -10.27
C PHE A 236 -2.09 -14.91 -10.50
N ILE A 237 -1.18 -14.93 -9.54
CA ILE A 237 -0.01 -15.81 -9.54
C ILE A 237 -0.30 -16.91 -8.50
N TYR A 238 -0.07 -18.16 -8.88
CA TYR A 238 -0.21 -19.31 -7.99
C TYR A 238 1.03 -20.15 -8.13
N LYS A 239 1.70 -20.42 -6.99
CA LYS A 239 2.94 -21.20 -6.92
C LYS A 239 3.98 -20.72 -7.97
N ASP A 240 4.13 -19.37 -8.10
CA ASP A 240 5.07 -18.68 -9.01
C ASP A 240 4.78 -18.84 -10.51
N VAL A 241 3.53 -19.23 -10.84
CA VAL A 241 3.03 -19.41 -12.21
C VAL A 241 1.89 -18.43 -12.45
N SER A 242 1.95 -17.76 -13.62
CA SER A 242 0.95 -16.80 -14.11
C SER A 242 0.74 -16.96 -15.63
N GLU A 243 -0.39 -16.43 -16.18
CA GLU A 243 -0.69 -16.46 -17.61
C GLU A 243 -1.02 -15.05 -18.11
N ASP A 244 -0.34 -14.60 -19.16
CA ASP A 244 -0.55 -13.27 -19.75
C ASP A 244 -1.73 -13.32 -20.74
N LEU A 245 -2.94 -13.46 -20.18
CA LEU A 245 -4.21 -13.50 -20.91
C LEU A 245 -4.64 -12.07 -21.28
N PRO A 246 -5.29 -11.84 -22.45
CA PRO A 246 -5.74 -10.47 -22.80
C PRO A 246 -6.47 -9.73 -21.67
N LEU A 247 -6.18 -8.43 -21.52
CA LEU A 247 -6.73 -7.60 -20.44
C LEU A 247 -8.06 -6.94 -20.74
N PRO A 248 -8.90 -6.69 -19.71
CA PRO A 248 -10.17 -5.97 -19.97
C PRO A 248 -9.89 -4.49 -20.25
N THR A 249 -10.94 -3.73 -20.58
CA THR A 249 -10.77 -2.32 -20.90
C THR A 249 -11.25 -1.41 -19.79
N PHE A 250 -10.43 -0.43 -19.47
CA PHE A 250 -10.73 0.55 -18.45
C PHE A 250 -11.01 1.90 -19.11
N SER A 251 -12.06 2.57 -18.61
CA SER A 251 -12.46 3.89 -19.08
C SER A 251 -12.24 4.92 -17.96
N PRO A 252 -11.31 5.89 -18.14
CA PRO A 252 -11.07 6.91 -17.09
C PRO A 252 -12.32 7.69 -16.63
N THR A 253 -13.42 7.60 -17.42
CA THR A 253 -14.73 8.23 -17.19
C THR A 253 -15.50 7.55 -16.03
N LEU A 254 -15.20 6.26 -15.76
CA LEU A 254 -15.79 5.42 -14.70
C LEU A 254 -15.43 5.91 -13.30
N LEU A 255 -14.30 6.63 -13.17
CA LEU A 255 -13.77 7.10 -11.89
C LEU A 255 -13.93 8.62 -11.71
N GLY A 256 -14.03 9.05 -10.45
CA GLY A 256 -14.12 10.46 -10.09
C GLY A 256 -12.76 11.06 -9.79
N ASP A 257 -12.77 12.31 -9.30
CA ASP A 257 -11.54 13.03 -8.94
C ASP A 257 -11.69 13.80 -7.60
N SER A 258 -12.83 13.57 -6.90
CA SER A 258 -13.18 14.21 -5.63
C SER A 258 -12.52 13.57 -4.39
N ARG A 259 -12.64 12.22 -4.24
CA ARG A 259 -12.06 11.44 -3.14
C ARG A 259 -10.55 11.34 -3.33
N MET A 260 -9.82 10.97 -2.29
CA MET A 260 -8.35 10.91 -2.34
C MET A 260 -7.80 9.70 -3.10
N LEU A 261 -8.54 8.59 -3.09
CA LEU A 261 -8.13 7.32 -3.67
C LEU A 261 -9.31 6.61 -4.33
N TYR A 262 -9.16 6.25 -5.62
CA TYR A 262 -10.16 5.47 -6.39
C TYR A 262 -9.46 4.20 -6.90
N PHE A 263 -10.05 3.05 -6.60
CA PHE A 263 -9.53 1.75 -7.02
C PHE A 263 -10.59 1.08 -7.86
N TRP A 264 -10.19 0.65 -9.06
CA TRP A 264 -11.04 -0.05 -10.02
C TRP A 264 -10.60 -1.51 -10.13
N PHE A 265 -11.55 -2.43 -10.09
CA PHE A 265 -11.28 -3.86 -10.17
C PHE A 265 -12.22 -4.52 -11.15
N SER A 266 -11.64 -5.12 -12.21
CA SER A 266 -12.40 -5.85 -13.20
C SER A 266 -12.92 -7.13 -12.54
N GLU A 267 -14.07 -7.66 -12.99
CA GLU A 267 -14.58 -8.88 -12.36
C GLU A 267 -13.70 -10.10 -12.59
N ARG A 268 -12.87 -10.07 -13.66
CA ARG A 268 -11.89 -11.10 -14.01
C ARG A 268 -10.96 -11.42 -12.85
N VAL A 269 -10.67 -10.41 -12.02
CA VAL A 269 -9.84 -10.50 -10.82
C VAL A 269 -10.52 -11.45 -9.81
N PHE A 270 -11.82 -11.23 -9.51
CA PHE A 270 -12.67 -12.05 -8.61
C PHE A 270 -12.83 -13.49 -9.13
N HIS A 271 -12.89 -13.65 -10.46
CA HIS A 271 -12.97 -14.94 -11.11
C HIS A 271 -11.63 -15.68 -10.93
N SER A 272 -10.52 -15.01 -11.30
CA SER A 272 -9.13 -15.45 -11.16
C SER A 272 -8.81 -15.80 -9.66
N LEU A 273 -9.41 -15.03 -8.68
CA LEU A 273 -9.29 -15.25 -7.22
C LEU A 273 -9.92 -16.59 -6.82
N ALA A 274 -11.18 -16.82 -7.24
CA ALA A 274 -11.99 -18.01 -6.98
C ALA A 274 -11.33 -19.28 -7.52
N LYS A 275 -10.65 -19.17 -8.67
CA LYS A 275 -9.92 -20.26 -9.34
C LYS A 275 -8.76 -20.72 -8.48
N VAL A 276 -7.88 -19.78 -8.05
CA VAL A 276 -6.72 -20.08 -7.21
C VAL A 276 -7.08 -20.52 -5.81
N ALA A 277 -8.13 -19.90 -5.22
CA ALA A 277 -8.62 -20.23 -3.87
C ALA A 277 -9.10 -21.66 -3.85
N PHE A 278 -9.87 -22.06 -4.91
CA PHE A 278 -10.39 -23.42 -5.10
C PHE A 278 -9.23 -24.39 -5.26
N GLN A 279 -8.32 -24.12 -6.21
CA GLN A 279 -7.16 -24.99 -6.43
C GLN A 279 -6.22 -25.15 -5.25
N ASP A 280 -6.08 -24.12 -4.41
CA ASP A 280 -5.24 -24.21 -3.21
C ASP A 280 -5.90 -25.03 -2.07
N GLY A 281 -7.14 -25.46 -2.27
CA GLY A 281 -7.89 -26.24 -1.29
C GLY A 281 -8.33 -25.45 -0.07
N ARG A 282 -8.56 -24.15 -0.27
CA ARG A 282 -8.96 -23.22 0.77
C ARG A 282 -10.47 -23.23 1.02
N LEU A 283 -11.25 -23.53 -0.04
CA LEU A 283 -12.70 -23.54 -0.05
C LEU A 283 -13.36 -24.78 0.55
N MET A 284 -13.05 -24.98 1.84
CA MET A 284 -13.61 -26.05 2.65
C MET A 284 -13.71 -25.70 4.12
N LEU A 285 -14.68 -26.30 4.78
CA LEU A 285 -15.00 -26.12 6.18
C LEU A 285 -15.36 -27.45 6.79
N SER A 286 -14.98 -27.64 8.05
CA SER A 286 -15.27 -28.85 8.80
C SER A 286 -15.64 -28.48 10.23
N LEU A 287 -16.77 -28.99 10.72
CA LEU A 287 -17.25 -28.73 12.08
C LEU A 287 -17.45 -30.04 12.84
N MET A 288 -16.85 -30.12 14.02
CA MET A 288 -16.91 -31.27 14.93
C MET A 288 -17.78 -30.92 16.13
N GLY A 289 -18.32 -31.95 16.77
CA GLY A 289 -19.16 -31.90 17.95
C GLY A 289 -19.48 -30.56 18.60
N ASP A 290 -18.59 -30.10 19.51
CA ASP A 290 -18.74 -28.86 20.28
C ASP A 290 -18.79 -27.61 19.42
N GLU A 291 -17.90 -27.53 18.43
CA GLU A 291 -17.80 -26.43 17.47
C GLU A 291 -19.09 -26.37 16.64
N PHE A 292 -19.60 -27.53 16.17
CA PHE A 292 -20.84 -27.65 15.39
C PHE A 292 -22.05 -27.18 16.17
N LYS A 293 -22.13 -27.58 17.47
CA LYS A 293 -23.19 -27.23 18.39
C LYS A 293 -23.15 -25.72 18.68
N ALA A 294 -21.94 -25.14 18.80
CA ALA A 294 -21.75 -23.72 19.03
C ALA A 294 -22.27 -22.89 17.86
N VAL A 295 -21.98 -23.33 16.61
CA VAL A 295 -22.41 -22.70 15.36
C VAL A 295 -23.95 -22.61 15.27
N LEU A 296 -24.66 -23.69 15.65
CA LEU A 296 -26.13 -23.76 15.66
C LEU A 296 -26.74 -22.75 16.64
N GLU A 297 -26.11 -22.58 17.81
CA GLU A 297 -26.52 -21.64 18.84
C GLU A 297 -26.27 -20.20 18.37
N THR A 298 -25.07 -19.93 17.81
CA THR A 298 -24.62 -18.63 17.28
C THR A 298 -25.60 -18.02 16.29
N TRP A 299 -26.46 -18.87 15.66
CA TRP A 299 -27.43 -18.39 14.70
C TRP A 299 -28.87 -18.29 15.22
N GLY A 300 -28.94 -17.81 16.47
CA GLY A 300 -30.15 -17.53 17.23
C GLY A 300 -31.08 -18.70 17.48
N PHE A 301 -30.53 -19.88 17.86
CA PHE A 301 -31.32 -21.09 18.15
C PHE A 301 -30.78 -21.89 19.35
N ASN A 302 -31.56 -21.98 20.45
CA ASN A 302 -31.17 -22.65 21.70
C ASN A 302 -30.97 -24.17 21.60
N THR A 303 -29.73 -24.64 21.92
CA THR A 303 -29.27 -26.05 21.86
C THR A 303 -30.18 -27.11 22.52
N ASN A 304 -30.84 -26.76 23.65
CA ASN A 304 -31.73 -27.69 24.33
C ASN A 304 -33.21 -27.55 23.94
N GLN A 305 -33.47 -27.37 22.63
CA GLN A 305 -34.81 -27.32 22.03
C GLN A 305 -35.16 -28.78 21.68
N GLU A 306 -36.40 -29.05 21.23
CA GLU A 306 -36.83 -30.39 20.84
C GLU A 306 -36.18 -30.80 19.48
N ILE A 307 -36.38 -29.98 18.41
CA ILE A 307 -35.88 -30.19 17.02
C ILE A 307 -34.49 -30.82 16.96
N PHE A 308 -33.57 -30.29 17.78
CA PHE A 308 -32.19 -30.73 17.89
C PHE A 308 -32.13 -32.18 18.39
N GLN A 309 -32.75 -32.45 19.56
CA GLN A 309 -32.80 -33.74 20.28
C GLN A 309 -33.09 -35.00 19.47
N GLU A 310 -33.93 -34.93 18.44
CA GLU A 310 -34.26 -36.10 17.63
C GLU A 310 -33.13 -36.54 16.68
N VAL A 311 -32.37 -35.56 16.09
CA VAL A 311 -31.31 -35.84 15.13
C VAL A 311 -29.87 -35.42 15.51
N VAL A 312 -29.66 -34.21 16.12
CA VAL A 312 -28.32 -33.70 16.48
C VAL A 312 -27.76 -33.85 17.97
N GLY A 313 -28.29 -34.74 18.84
CA GLY A 313 -29.40 -35.66 18.65
C GLY A 313 -29.16 -37.00 19.32
N GLY A 314 -28.13 -37.68 18.85
CA GLY A 314 -27.70 -38.95 19.43
C GLY A 314 -26.57 -38.66 20.39
N PHE A 315 -25.50 -38.07 19.85
CA PHE A 315 -24.33 -37.64 20.59
C PHE A 315 -23.85 -36.31 19.98
N PRO A 316 -24.10 -35.16 20.67
CA PRO A 316 -23.72 -33.86 20.10
C PRO A 316 -22.22 -33.64 19.90
N SER A 317 -21.37 -34.31 20.71
CA SER A 317 -19.89 -34.25 20.66
C SER A 317 -19.30 -35.20 19.59
N GLN A 318 -20.17 -35.97 18.90
CA GLN A 318 -19.82 -36.94 17.86
C GLN A 318 -20.38 -36.54 16.46
N ALA A 319 -21.23 -35.49 16.39
CA ALA A 319 -21.82 -34.99 15.15
C ALA A 319 -20.76 -34.31 14.27
N GLN A 320 -20.74 -34.68 12.96
CA GLN A 320 -19.77 -34.17 11.98
C GLN A 320 -20.47 -33.52 10.77
N VAL A 321 -19.90 -32.40 10.27
CA VAL A 321 -20.35 -31.69 9.06
C VAL A 321 -19.16 -31.14 8.24
N THR A 322 -19.09 -31.51 6.94
CA THR A 322 -18.02 -31.08 6.04
C THR A 322 -18.58 -30.44 4.78
N VAL A 323 -18.09 -29.25 4.46
CA VAL A 323 -18.46 -28.53 3.26
C VAL A 323 -17.22 -28.29 2.45
N HIS A 324 -17.25 -28.65 1.18
CA HIS A 324 -16.19 -28.41 0.22
C HIS A 324 -16.80 -28.04 -1.12
N CYS A 325 -16.10 -27.21 -1.88
CA CYS A 325 -16.52 -26.81 -3.21
C CYS A 325 -16.23 -27.96 -4.14
N LEU A 326 -17.20 -28.30 -4.98
CA LEU A 326 -17.03 -29.39 -5.94
C LEU A 326 -16.26 -28.83 -7.13
N LYS A 327 -16.61 -27.60 -7.52
CA LYS A 327 -15.92 -26.89 -8.59
C LYS A 327 -15.74 -25.43 -8.20
N MET A 328 -14.90 -24.74 -8.97
CA MET A 328 -14.53 -23.34 -8.79
C MET A 328 -15.77 -22.40 -8.73
N PRO A 329 -15.87 -21.50 -7.71
CA PRO A 329 -17.04 -20.59 -7.64
C PRO A 329 -17.02 -19.57 -8.77
N LYS A 330 -18.21 -19.30 -9.32
CA LYS A 330 -18.36 -18.36 -10.41
C LYS A 330 -18.81 -17.00 -9.85
N ILE A 331 -17.87 -16.05 -9.78
CA ILE A 331 -18.09 -14.70 -9.26
C ILE A 331 -18.34 -13.71 -10.39
N SER A 332 -19.31 -12.80 -10.19
CA SER A 332 -19.72 -11.80 -11.17
C SER A 332 -20.08 -10.47 -10.51
N CYS A 333 -19.64 -9.37 -11.12
CA CYS A 333 -19.97 -8.07 -10.57
C CYS A 333 -21.22 -7.56 -11.24
N GLN A 334 -22.21 -7.23 -10.42
CA GLN A 334 -23.49 -6.73 -10.87
C GLN A 334 -23.81 -5.44 -10.15
N ASN A 335 -24.77 -4.63 -10.65
CA ASN A 335 -25.16 -3.37 -10.02
C ASN A 335 -25.68 -3.64 -8.62
N LYS A 336 -26.47 -4.72 -8.48
CA LYS A 336 -27.09 -5.21 -7.23
C LYS A 336 -26.09 -5.79 -6.20
N GLY A 337 -24.88 -6.15 -6.64
CA GLY A 337 -23.85 -6.72 -5.79
C GLY A 337 -22.93 -7.73 -6.44
N VAL A 338 -22.07 -8.37 -5.63
CA VAL A 338 -21.18 -9.43 -6.08
C VAL A 338 -22.05 -10.69 -6.03
N VAL A 339 -22.24 -11.33 -7.18
CA VAL A 339 -23.02 -12.54 -7.28
C VAL A 339 -22.06 -13.73 -7.38
N VAL A 340 -22.11 -14.62 -6.38
CA VAL A 340 -21.27 -15.81 -6.27
C VAL A 340 -22.16 -17.05 -6.45
N ASP A 341 -21.84 -17.91 -7.44
CA ASP A 341 -22.54 -19.16 -7.71
C ASP A 341 -21.58 -20.31 -7.48
N SER A 342 -21.76 -21.00 -6.35
CA SER A 342 -20.90 -22.10 -5.91
C SER A 342 -21.59 -23.46 -5.83
N SER A 343 -20.98 -24.49 -6.45
CA SER A 343 -21.44 -25.88 -6.43
C SER A 343 -20.76 -26.57 -5.25
N VAL A 344 -21.52 -26.81 -4.17
CA VAL A 344 -21.05 -27.36 -2.89
C VAL A 344 -21.49 -28.78 -2.56
N MET A 345 -20.74 -29.42 -1.65
CA MET A 345 -20.97 -30.75 -1.13
C MET A 345 -20.99 -30.65 0.38
N VAL A 346 -22.19 -30.76 0.97
CA VAL A 346 -22.39 -30.70 2.41
C VAL A 346 -22.65 -32.14 2.89
N LYS A 347 -21.77 -32.64 3.79
CA LYS A 347 -21.84 -34.00 4.31
C LYS A 347 -22.17 -33.98 5.79
N PHE A 348 -23.25 -34.66 6.19
CA PHE A 348 -23.71 -34.73 7.58
C PHE A 348 -23.57 -36.14 8.14
N LEU A 349 -23.00 -36.26 9.35
CA LEU A 349 -22.86 -37.54 10.02
C LEU A 349 -23.22 -37.43 11.49
N PHE A 350 -24.28 -38.14 11.87
CA PHE A 350 -24.78 -38.17 13.24
C PHE A 350 -24.68 -39.61 13.74
N PRO A 351 -23.47 -40.04 14.19
CA PRO A 351 -23.32 -41.43 14.62
C PRO A 351 -24.11 -41.80 15.87
N ARG A 352 -24.67 -43.00 15.85
CA ARG A 352 -25.45 -43.56 16.94
C ARG A 352 -24.68 -44.76 17.52
N PRO A 353 -25.04 -45.28 18.73
CA PRO A 353 -24.30 -46.46 19.28
C PRO A 353 -24.02 -47.55 18.23
N ASP A 354 -25.08 -48.05 17.55
CA ASP A 354 -25.03 -49.03 16.46
C ASP A 354 -24.98 -48.25 15.12
N GLN A 355 -23.92 -48.44 14.30
CA GLN A 355 -23.67 -47.74 13.02
C GLN A 355 -24.77 -47.87 11.94
N GLN A 356 -25.90 -48.51 12.28
CA GLN A 356 -27.07 -48.69 11.43
C GLN A 356 -27.95 -47.43 11.57
N HIS A 357 -28.31 -47.08 12.84
CA HIS A 357 -29.18 -45.98 13.26
C HIS A 357 -28.65 -44.57 12.94
N SER A 358 -27.34 -44.45 12.68
CA SER A 358 -26.66 -43.17 12.35
C SER A 358 -27.27 -42.51 11.11
N VAL A 359 -27.49 -41.18 11.17
CA VAL A 359 -28.02 -40.47 10.01
C VAL A 359 -26.83 -39.88 9.22
N ALA A 360 -26.65 -40.38 7.98
CA ALA A 360 -25.60 -39.98 7.06
C ALA A 360 -26.18 -39.49 5.74
N TYR A 361 -26.11 -38.18 5.52
CA TYR A 361 -26.66 -37.52 4.34
C TYR A 361 -25.60 -36.73 3.58
N THR A 362 -25.67 -36.76 2.24
CA THR A 362 -24.77 -36.01 1.40
C THR A 362 -25.57 -35.15 0.44
N PHE A 363 -25.55 -33.84 0.69
CA PHE A 363 -26.22 -32.82 -0.10
C PHE A 363 -25.25 -32.23 -1.11
N GLU A 364 -25.50 -32.48 -2.41
CA GLU A 364 -24.70 -31.95 -3.53
C GLU A 364 -25.60 -30.91 -4.16
N GLU A 365 -25.28 -29.63 -3.96
CA GLU A 365 -26.13 -28.54 -4.46
C GLU A 365 -25.42 -27.30 -4.96
N ASP A 366 -26.15 -26.45 -5.68
CA ASP A 366 -25.64 -25.19 -6.21
C ASP A 366 -26.28 -24.03 -5.46
N ILE A 367 -25.46 -23.20 -4.82
CA ILE A 367 -25.93 -22.07 -4.06
C ILE A 367 -25.49 -20.79 -4.73
N VAL A 368 -26.45 -19.92 -5.06
CA VAL A 368 -26.20 -18.59 -5.61
C VAL A 368 -26.51 -17.57 -4.52
N THR A 369 -25.52 -16.75 -4.13
CA THR A 369 -25.67 -15.70 -3.12
C THR A 369 -25.34 -14.35 -3.76
N THR A 370 -26.13 -13.28 -3.48
CA THR A 370 -25.82 -11.92 -3.95
C THR A 370 -25.41 -11.13 -2.72
N VAL A 371 -24.12 -10.79 -2.64
CA VAL A 371 -23.41 -10.17 -1.51
C VAL A 371 -23.17 -8.68 -1.70
N GLN A 372 -23.18 -7.92 -0.59
CA GLN A 372 -22.82 -6.51 -0.51
C GLN A 372 -21.77 -6.29 0.59
N ALA A 373 -20.68 -5.64 0.22
CA ALA A 373 -19.56 -5.43 1.11
C ALA A 373 -19.49 -4.03 1.69
N SER A 374 -18.93 -3.94 2.92
CA SER A 374 -18.75 -2.74 3.72
C SER A 374 -17.48 -2.85 4.52
N TYR A 375 -16.86 -1.70 4.82
CA TYR A 375 -15.66 -1.59 5.67
C TYR A 375 -15.90 -0.44 6.61
N SER A 376 -15.79 -0.70 7.90
CA SER A 376 -15.93 0.31 8.94
C SER A 376 -15.40 -0.26 10.22
N LYS A 377 -14.90 0.62 11.11
CA LYS A 377 -14.32 0.22 12.41
C LYS A 377 -13.30 -0.93 12.23
N LYS A 378 -12.49 -0.81 11.14
CA LYS A 378 -11.40 -1.67 10.70
C LYS A 378 -11.73 -3.16 10.48
N LYS A 379 -12.99 -3.40 10.04
CA LYS A 379 -13.56 -4.72 9.74
C LYS A 379 -14.27 -4.69 8.40
N LEU A 380 -14.25 -5.82 7.70
CA LEU A 380 -14.96 -6.02 6.44
C LEU A 380 -16.27 -6.67 6.81
N PHE A 381 -17.39 -6.16 6.27
CA PHE A 381 -18.76 -6.65 6.52
C PHE A 381 -19.45 -7.16 5.27
N LEU A 382 -19.85 -8.43 5.25
CA LEU A 382 -20.56 -8.99 4.10
C LEU A 382 -22.01 -9.24 4.45
N SER A 383 -22.93 -8.68 3.65
CA SER A 383 -24.37 -8.83 3.85
C SER A 383 -25.03 -9.48 2.64
N LEU A 384 -26.02 -10.37 2.88
CA LEU A 384 -26.76 -11.11 1.87
C LEU A 384 -28.00 -10.38 1.38
N LEU A 385 -28.00 -10.08 0.08
CA LEU A 385 -29.08 -9.40 -0.60
C LEU A 385 -30.15 -10.38 -1.05
N ASP A 386 -29.72 -11.52 -1.64
CA ASP A 386 -30.57 -12.62 -2.09
C ASP A 386 -29.78 -13.92 -2.29
N PHE A 387 -30.50 -15.04 -2.33
CA PHE A 387 -29.92 -16.36 -2.53
C PHE A 387 -30.88 -17.33 -3.19
N GLN A 388 -30.33 -18.35 -3.84
CA GLN A 388 -31.12 -19.44 -4.40
C GLN A 388 -30.38 -20.75 -4.21
N ILE A 389 -31.12 -21.77 -3.74
CA ILE A 389 -30.56 -23.09 -3.48
C ILE A 389 -31.28 -24.11 -4.34
N THR A 390 -30.51 -24.88 -5.12
CA THR A 390 -31.04 -25.93 -5.97
C THR A 390 -30.31 -27.24 -5.64
N PRO A 391 -30.94 -28.14 -4.85
CA PRO A 391 -30.29 -29.43 -4.55
C PRO A 391 -30.23 -30.32 -5.79
N LYS A 392 -29.00 -30.68 -6.23
CA LYS A 392 -28.76 -31.52 -7.41
C LYS A 392 -28.93 -33.02 -7.08
N THR A 393 -28.21 -33.53 -6.05
CA THR A 393 -28.24 -34.92 -5.60
C THR A 393 -28.06 -35.13 -4.11
N VAL A 394 -29.19 -35.19 -3.40
CA VAL A 394 -29.28 -35.49 -1.97
C VAL A 394 -29.27 -37.03 -1.87
N SER A 395 -28.40 -37.57 -1.00
CA SER A 395 -28.26 -39.01 -0.81
C SER A 395 -28.20 -39.38 0.66
N ASN A 396 -28.76 -40.55 1.02
CA ASN A 396 -28.72 -41.10 2.36
C ASN A 396 -27.86 -42.35 2.36
N LEU A 397 -26.93 -42.43 3.31
CA LEU A 397 -25.97 -43.53 3.39
C LEU A 397 -26.30 -44.57 4.45
N THR A 398 -27.55 -44.55 4.95
CA THR A 398 -28.12 -45.48 5.93
C THR A 398 -29.62 -45.66 5.67
N GLU A 399 -30.24 -46.67 6.34
CA GLU A 399 -31.69 -46.90 6.28
C GLU A 399 -32.40 -45.79 7.10
N SER A 400 -31.63 -45.13 8.01
CA SER A 400 -32.05 -44.01 8.86
C SER A 400 -32.16 -42.75 7.98
N SER A 401 -33.36 -42.55 7.35
CA SER A 401 -33.69 -41.43 6.45
C SER A 401 -35.19 -41.26 6.20
N SER A 402 -35.62 -39.98 6.06
CA SER A 402 -36.99 -39.54 5.77
C SER A 402 -36.96 -38.14 5.15
N GLU A 403 -38.10 -37.67 4.61
CA GLU A 403 -38.24 -36.35 3.99
C GLU A 403 -38.13 -35.20 5.01
N SER A 404 -38.56 -35.45 6.27
CA SER A 404 -38.50 -34.47 7.36
C SER A 404 -37.05 -34.26 7.82
N ILE A 405 -36.22 -35.33 7.72
CA ILE A 405 -34.78 -35.30 8.05
C ILE A 405 -34.09 -34.43 6.99
N GLN A 406 -34.35 -34.74 5.69
CA GLN A 406 -33.82 -34.05 4.53
C GLN A 406 -34.18 -32.55 4.57
N SER A 407 -35.37 -32.22 5.11
CA SER A 407 -35.83 -30.85 5.24
C SER A 407 -35.09 -30.12 6.34
N PHE A 408 -34.91 -30.77 7.51
CA PHE A 408 -34.18 -30.18 8.63
C PHE A 408 -32.72 -29.92 8.27
N LEU A 409 -32.09 -30.88 7.58
CA LEU A 409 -30.71 -30.77 7.12
C LEU A 409 -30.59 -29.68 6.06
N GLN A 410 -31.58 -29.59 5.13
CA GLN A 410 -31.58 -28.55 4.08
C GLN A 410 -31.79 -27.13 4.65
N SER A 411 -32.66 -27.00 5.66
CA SER A 411 -32.96 -25.72 6.32
C SER A 411 -31.74 -25.25 7.10
N MET A 412 -30.97 -26.22 7.63
CA MET A 412 -29.73 -26.01 8.36
C MET A 412 -28.67 -25.39 7.43
N ILE A 413 -28.55 -25.90 6.17
CA ILE A 413 -27.59 -25.41 5.17
C ILE A 413 -27.87 -23.94 4.83
N THR A 414 -29.15 -23.61 4.64
CA THR A 414 -29.68 -22.30 4.29
C THR A 414 -29.57 -21.26 5.45
N ALA A 415 -30.25 -21.56 6.56
CA ALA A 415 -30.39 -20.70 7.73
C ALA A 415 -29.16 -20.59 8.65
N VAL A 416 -28.19 -21.53 8.54
CA VAL A 416 -26.99 -21.54 9.39
C VAL A 416 -25.71 -21.53 8.55
N GLY A 417 -25.69 -22.39 7.53
CA GLY A 417 -24.53 -22.54 6.64
C GLY A 417 -24.16 -21.27 5.91
N ILE A 418 -25.13 -20.65 5.22
CA ILE A 418 -24.93 -19.39 4.49
C ILE A 418 -24.49 -18.27 5.43
N PRO A 419 -25.20 -17.91 6.54
CA PRO A 419 -24.70 -16.82 7.41
C PRO A 419 -23.32 -17.08 8.05
N GLU A 420 -23.02 -18.33 8.44
CA GLU A 420 -21.75 -18.73 9.06
C GLU A 420 -20.64 -18.65 8.06
N VAL A 421 -20.83 -19.19 6.84
CA VAL A 421 -19.79 -19.12 5.79
C VAL A 421 -19.43 -17.67 5.47
N MET A 422 -20.44 -16.81 5.32
CA MET A 422 -20.23 -15.37 5.12
C MET A 422 -19.52 -14.73 6.33
N SER A 423 -19.86 -15.17 7.57
CA SER A 423 -19.26 -14.69 8.82
C SER A 423 -17.78 -15.05 8.85
N ARG A 424 -17.45 -16.35 8.64
CA ARG A 424 -16.07 -16.86 8.58
C ARG A 424 -15.28 -16.17 7.48
N LEU A 425 -15.94 -15.95 6.32
CA LEU A 425 -15.36 -15.28 5.15
C LEU A 425 -14.90 -13.87 5.48
N GLU A 426 -15.78 -13.06 6.14
CA GLU A 426 -15.44 -11.70 6.54
C GLU A 426 -14.28 -11.62 7.50
N VAL A 427 -14.23 -12.57 8.46
CA VAL A 427 -13.14 -12.71 9.44
C VAL A 427 -11.77 -12.91 8.73
N VAL A 428 -11.73 -13.82 7.73
CA VAL A 428 -10.52 -14.18 6.97
C VAL A 428 -9.97 -12.96 6.24
N PHE A 429 -10.82 -12.22 5.53
CA PHE A 429 -10.37 -11.03 4.80
C PHE A 429 -9.99 -9.91 5.75
N THR A 430 -10.66 -9.85 6.92
CA THR A 430 -10.33 -8.86 7.96
C THR A 430 -8.94 -9.16 8.51
N ALA A 431 -8.64 -10.44 8.83
CA ALA A 431 -7.35 -10.93 9.34
C ALA A 431 -6.25 -10.65 8.36
N LEU A 432 -6.50 -10.90 7.03
CA LEU A 432 -5.52 -10.67 5.96
C LEU A 432 -5.10 -9.23 5.92
N MET A 433 -6.07 -8.33 5.87
CA MET A 433 -5.82 -6.90 5.82
C MET A 433 -5.12 -6.38 7.08
N ASN A 434 -5.58 -6.85 8.26
CA ASN A 434 -4.99 -6.50 9.54
C ASN A 434 -3.49 -6.88 9.57
N SER A 435 -3.20 -8.19 9.31
CA SER A 435 -1.85 -8.78 9.30
C SER A 435 -0.92 -8.11 8.28
N LYS A 436 -1.49 -7.52 7.22
CA LYS A 436 -0.73 -6.82 6.19
C LYS A 436 -0.65 -5.31 6.46
N GLY A 437 -1.22 -4.87 7.60
CA GLY A 437 -1.25 -3.50 8.10
C GLY A 437 -2.15 -2.51 7.36
N VAL A 438 -3.37 -2.95 6.98
CA VAL A 438 -4.34 -2.05 6.30
C VAL A 438 -5.02 -1.20 7.36
N SER A 439 -5.11 -1.75 8.57
CA SER A 439 -5.72 -1.09 9.72
C SER A 439 -4.84 0.01 10.36
N LEU A 440 -3.54 0.11 9.97
CA LEU A 440 -2.60 1.14 10.45
C LEU A 440 -3.00 2.52 9.92
N PHE A 441 -3.50 2.55 8.67
CA PHE A 441 -3.98 3.75 7.97
C PHE A 441 -5.36 4.10 8.53
N ASP A 442 -5.77 5.37 8.44
CA ASP A 442 -7.10 5.80 8.86
C ASP A 442 -7.90 5.94 7.57
N ILE A 443 -8.76 4.95 7.30
CA ILE A 443 -9.56 4.98 6.09
C ILE A 443 -10.87 5.69 6.44
N ILE A 444 -11.11 6.86 5.80
CA ILE A 444 -12.28 7.73 6.00
C ILE A 444 -13.36 7.49 4.92
N ASN A 445 -14.64 7.34 5.38
CA ASN A 445 -15.85 7.06 4.60
C ASN A 445 -15.60 6.20 3.33
N PRO A 446 -15.07 4.95 3.45
CA PRO A 446 -14.87 4.14 2.24
C PRO A 446 -16.18 3.64 1.67
N GLU A 447 -16.22 3.42 0.34
CA GLU A 447 -17.42 2.93 -0.34
C GLU A 447 -17.04 1.82 -1.32
N ILE A 448 -17.59 0.60 -1.11
CA ILE A 448 -17.41 -0.53 -2.03
C ILE A 448 -18.60 -0.43 -2.97
N ILE A 449 -18.35 -0.15 -4.25
CA ILE A 449 -19.42 0.02 -5.23
C ILE A 449 -19.36 -1.05 -6.30
N THR A 450 -20.41 -1.87 -6.39
CA THR A 450 -20.54 -2.92 -7.41
C THR A 450 -21.30 -2.40 -8.63
N ARG A 451 -20.79 -2.71 -9.83
CA ARG A 451 -21.38 -2.33 -11.12
C ARG A 451 -21.27 -3.51 -12.09
N ASP A 452 -21.93 -3.46 -13.26
CA ASP A 452 -21.82 -4.59 -14.20
C ASP A 452 -20.39 -4.69 -14.80
N GLY A 453 -19.68 -5.73 -14.39
CA GLY A 453 -18.33 -6.04 -14.85
C GLY A 453 -17.19 -5.57 -13.96
N PHE A 454 -17.51 -4.81 -12.90
CA PHE A 454 -16.49 -4.30 -12.01
C PHE A 454 -17.01 -3.90 -10.66
N LEU A 455 -16.06 -3.68 -9.73
CA LEU A 455 -16.20 -3.22 -8.37
C LEU A 455 -15.32 -1.97 -8.26
N LEU A 456 -15.64 -1.05 -7.35
CA LEU A 456 -14.95 0.21 -7.16
C LEU A 456 -14.79 0.57 -5.70
N LEU A 457 -13.57 0.94 -5.28
CA LEU A 457 -13.28 1.39 -3.91
C LEU A 457 -12.90 2.84 -3.97
N GLN A 458 -13.67 3.68 -3.29
CA GLN A 458 -13.49 5.11 -3.26
C GLN A 458 -13.28 5.46 -1.80
N MET A 459 -12.20 6.18 -1.49
CA MET A 459 -11.90 6.51 -0.11
C MET A 459 -11.07 7.79 0.09
N ASP A 460 -11.16 8.31 1.31
CA ASP A 460 -10.37 9.43 1.80
C ASP A 460 -9.52 8.79 2.89
N PHE A 461 -8.33 9.29 3.09
CA PHE A 461 -7.46 8.70 4.08
C PHE A 461 -6.72 9.75 4.92
N GLY A 462 -6.44 9.35 6.16
CA GLY A 462 -5.67 10.13 7.10
C GLY A 462 -4.30 9.51 7.07
N PHE A 463 -3.29 10.28 6.63
CA PHE A 463 -1.93 9.76 6.53
C PHE A 463 -1.31 9.67 7.92
N PRO A 464 -0.78 8.48 8.32
CA PRO A 464 -0.24 8.34 9.67
C PRO A 464 1.20 8.85 9.80
N GLU A 465 1.36 9.97 10.56
CA GLU A 465 2.58 10.73 10.86
C GLU A 465 3.81 9.90 11.25
N HIS A 466 3.79 9.29 12.46
CA HIS A 466 4.87 8.48 13.05
C HIS A 466 5.45 7.36 12.17
N LEU A 467 4.59 6.66 11.38
CA LEU A 467 4.97 5.55 10.50
C LEU A 467 5.96 5.98 9.38
N LEU A 468 5.78 7.22 8.85
CA LEU A 468 6.69 7.76 7.85
C LEU A 468 8.01 8.10 8.53
N VAL A 469 7.94 8.79 9.70
CA VAL A 469 9.08 9.17 10.56
C VAL A 469 9.94 7.93 10.88
N ASP A 470 9.27 6.79 11.20
CA ASP A 470 9.87 5.49 11.48
C ASP A 470 10.63 5.01 10.24
N PHE A 471 9.92 4.92 9.09
CA PHE A 471 10.48 4.50 7.79
C PHE A 471 11.66 5.39 7.37
N LEU A 472 11.51 6.72 7.51
CA LEU A 472 12.52 7.74 7.17
C LEU A 472 13.79 7.59 7.99
N GLN A 473 13.65 7.28 9.29
CA GLN A 473 14.78 7.04 10.20
C GLN A 473 15.51 5.74 9.81
N SER A 474 14.75 4.75 9.29
CA SER A 474 15.26 3.44 8.87
C SER A 474 15.81 3.44 7.43
N LEU A 475 17.03 3.96 7.26
CA LEU A 475 17.67 4.02 5.95
C LEU A 475 19.07 3.41 5.89
N SER A 476 20.05 3.96 6.64
CA SER A 476 21.42 3.44 6.67
C SER A 476 22.10 3.59 8.06
C1 NAG B . -32.04 -44.41 1.78
C2 NAG B . -31.47 -45.83 1.90
C3 NAG B . -32.39 -46.71 1.04
C4 NAG B . -33.83 -46.64 1.53
C5 NAG B . -34.30 -45.19 1.63
C6 NAG B . -35.63 -45.02 2.34
C7 NAG B . -29.13 -46.61 1.98
C8 NAG B . -27.79 -46.53 1.33
N2 NAG B . -30.10 -45.88 1.41
O3 NAG B . -31.93 -48.06 1.08
O4 NAG B . -34.65 -47.35 0.60
O5 NAG B . -33.34 -44.42 2.37
O6 NAG B . -35.80 -43.73 2.94
O7 NAG B . -29.34 -47.31 2.98
C1 NAG B . -35.46 -48.42 1.06
C2 NAG B . -36.51 -48.69 -0.02
C3 NAG B . -37.41 -49.80 0.55
C4 NAG B . -36.59 -51.06 0.82
C5 NAG B . -35.43 -50.74 1.76
C6 NAG B . -34.43 -51.87 1.89
C7 NAG B . -37.14 -46.90 -1.59
C8 NAG B . -38.08 -45.75 -1.84
N2 NAG B . -37.29 -47.54 -0.41
O3 NAG B . -38.47 -50.06 -0.35
O4 NAG B . -37.42 -52.09 1.36
O5 NAG B . -34.68 -49.61 1.28
O6 NAG B . -33.67 -52.04 0.69
O7 NAG B . -36.29 -47.23 -2.41
C1 MAN B . -37.87 -53.18 0.51
C2 MAN B . -36.94 -54.39 0.70
C3 MAN B . -36.93 -55.29 -0.54
C4 MAN B . -38.24 -55.19 -1.30
C5 MAN B . -38.42 -53.78 -1.83
C6 MAN B . -39.83 -53.44 -2.27
O2 MAN B . -37.33 -55.11 1.85
O3 MAN B . -36.65 -56.64 -0.17
O4 MAN B . -38.23 -56.11 -2.39
O5 MAN B . -37.98 -52.79 -0.88
O6 MAN B . -40.73 -53.22 -1.19
C1 FUC B . -36.67 -42.83 2.29
C2 FUC B . -35.95 -41.49 2.12
C3 FUC B . -36.64 -40.58 1.10
C4 FUC B . -38.07 -41.01 0.81
C5 FUC B . -38.11 -42.46 0.29
C6 FUC B . -39.47 -43.10 0.38
O2 FUC B . -34.61 -41.72 1.70
O3 FUC B . -36.62 -39.23 1.57
O4 FUC B . -38.92 -40.81 1.93
O5 FUC B . -37.18 -43.28 1.02
O2 2OB C . -1.61 6.69 2.61
C48 2OB C . -2.23 6.13 1.75
O1 2OB C . -1.90 6.17 0.43
C3 2OB C . -0.74 6.95 -0.02
C2 2OB C . 0.42 5.99 -0.23
C4 2OB C . -1.12 7.64 -1.32
C5 2OB C . 0.07 8.29 -2.00
C10 2OB C . 1.34 7.45 -2.15
C9 2OB C . 2.54 8.38 -2.51
C11 2OB C . 3.86 7.61 -2.75
C12 2OB C . 5.04 8.52 -3.08
C13 2OB C . 4.75 9.47 -4.25
C18 2OB C . 4.58 8.68 -5.57
C17 2OB C . 5.73 10.66 -4.46
C20 2OB C . 7.12 10.41 -5.06
C22 2OB C . 7.89 11.73 -5.35
C23 2OB C . 8.12 12.67 -4.16
C24 2OB C . 9.01 13.87 -4.49
C25 2OB C . 9.13 14.99 -3.38
C27 2OB C . 9.45 14.43 -2.00
C26 2OB C . 10.15 16.05 -3.76
C21 2OB C . 7.98 9.46 -4.23
C16 2OB C . 4.91 11.67 -5.27
C15 2OB C . 3.43 11.39 -4.92
C14 2OB C . 3.47 10.26 -3.88
C8 2OB C . 2.23 9.40 -3.61
C7 2OB C . 1.06 10.29 -3.18
C6 2OB C . -0.02 9.53 -2.47
C19 2OB C . 1.09 6.39 -3.24
C1 2OB C . 1.63 6.74 -0.81
C47 2OB C . -3.49 5.32 1.98
C46 2OB C . -3.33 3.82 1.71
C45 2OB C . -4.59 3.02 1.90
C44 2OB C . -4.45 1.53 1.52
C43 2OB C . -5.68 0.87 0.90
C42 2OB C . -5.37 -0.45 0.17
C41 2OB C . -6.58 -1.11 -0.51
C40 2OB C . -6.23 -2.05 -1.68
C39 2OB C . -7.17 -3.23 -1.83
O2 2OB D . -19.77 -14.11 1.14
C48 2OB D . -19.82 -14.75 0.10
O1 2OB D . -18.88 -14.48 -0.98
C3 2OB D . -18.07 -13.33 -0.76
C2 2OB D . -16.61 -13.74 -0.51
C4 2OB D . -18.18 -12.38 -1.97
C5 2OB D . -17.19 -11.24 -1.86
C10 2OB D . -15.74 -11.45 -1.38
C9 2OB D . -15.17 -10.10 -0.85
C11 2OB D . -13.72 -10.15 -0.30
C12 2OB D . -13.10 -8.80 0.09
C13 2OB D . -13.29 -7.68 -0.95
C18 2OB D . -12.43 -7.92 -2.20
C17 2OB D . -13.13 -6.25 -0.39
C20 2OB D . -11.77 -5.64 0.06
C22 2OB D . -12.04 -4.49 1.02
C23 2OB D . -11.33 -3.19 0.69
C24 2OB D . -11.65 -2.15 1.76
C25 2OB D . -10.71 -0.95 1.73
C27 2OB D . -11.48 0.36 1.92
C26 2OB D . -9.65 -1.05 2.81
C21 2OB D . -10.85 -6.61 0.82
C16 2OB D . -14.00 -5.34 -1.28
C15 2OB D . -15.07 -6.24 -1.90
C14 2OB D . -14.79 -7.60 -1.26
C8 2OB D . -15.48 -8.88 -1.76
C7 2OB D . -17.01 -8.73 -1.87
C6 2OB D . -17.67 -10.04 -2.23
C19 2OB D . -14.90 -12.01 -2.54
C1 2OB D . -15.74 -12.51 -0.25
C47 2OB D . -20.89 -15.79 -0.10
C46 2OB D . -20.28 -17.18 -0.11
C45 2OB D . -21.37 -18.22 -0.28
C44 2OB D . -21.80 -18.81 1.05
C43 2OB D . -22.70 -20.01 0.82
C42 2OB D . -21.92 -21.31 0.84
C41 2OB D . -22.40 -22.11 2.04
C40 2OB D . -22.50 -23.57 1.67
C39 2OB D . -22.70 -24.54 2.56
C38 2OB D . -22.84 -24.26 4.04
C37 2OB D . -23.25 -25.52 4.79
C36 2OB D . -22.79 -25.44 6.24
C35 2OB D . -23.02 -26.75 6.96
C34 2OB D . -24.15 -26.64 7.98
C33 2OB D . -23.61 -26.65 9.40
C32 2OB D . -23.98 -25.35 10.11
C31 2OB D . -24.82 -25.67 11.33
C1 DLP E . -9.58 -19.86 3.65
C2 DLP E . -10.72 -19.66 2.65
C3 DLP E . -11.95 -18.94 3.21
C4 DLP E . -9.38 -21.49 7.58
C5 DLP E . -9.22 -20.51 8.75
C6 DLP E . -9.76 -22.26 10.44
C7 DLP E . -9.18 -20.05 11.08
C8 DLP E . -7.51 -21.47 10.21
C11 DLP E . -12.96 -19.52 5.52
C12 DLP E . -14.31 -19.97 5.02
C13 DLP E . -14.29 -21.48 4.86
C14 DLP E . -15.70 -21.97 4.59
C15 DLP E . -16.10 -21.73 3.14
C16 DLP E . -15.92 -22.99 2.30
C17 DLP E . -17.22 -23.74 2.02
C18 DLP E . -18.21 -22.87 1.26
C19 DLP E . -17.96 -22.99 -0.22
C20 DLP E . -18.06 -21.98 -1.10
C21 DLP E . -18.41 -20.55 -0.75
C22 DLP E . -18.14 -19.70 -1.98
C23 DLP E . -16.72 -19.15 -1.96
C24 DLP E . -16.77 -17.64 -1.87
C25 DLP E . -15.38 -17.08 -1.60
C26 DLP E . -14.70 -16.51 -2.85
C27 DLP E . -13.45 -15.70 -2.46
C28 DLP E . -12.21 -16.56 -2.53
C31 DLP E . -9.90 -17.80 1.14
C32 DLP E . -9.30 -17.45 -0.20
C33 DLP E . -8.90 -15.98 -0.27
C34 DLP E . -7.41 -15.75 -0.22
C35 DLP E . -7.08 -14.33 -0.66
C36 DLP E . -5.59 -14.04 -0.61
C37 DLP E . -5.13 -13.45 -1.93
C38 DLP E . -4.77 -11.98 -1.80
C39 DLP E . -5.91 -11.16 -2.35
C40 DLP E . -6.74 -10.43 -1.58
C41 DLP E . -6.72 -10.32 -0.06
C42 DLP E . -6.25 -8.95 0.45
C43 DLP E . -7.34 -7.88 0.51
C44 DLP E . -7.30 -6.93 -0.69
C45 DLP E . -8.37 -7.28 -1.74
C46 DLP E . -7.89 -7.38 -3.20
C47 DLP E . -8.93 -7.98 -4.15
C48 DLP E . -8.51 -9.34 -4.64
N DLP E . -8.92 -21.10 10.09
O2 DLP E . -10.20 -19.20 1.38
O3 DLP E . -11.91 -19.03 4.64
O11 DLP E . -12.73 -19.55 6.72
O31 DLP E . -10.14 -16.94 1.96
O1P DLP E . -9.04 -23.62 5.20
O2P DLP E . -7.23 -21.73 4.27
O3P DLP E . -9.79 -21.05 4.41
O4P DLP E . -8.43 -21.22 6.55
P DLP E . -8.58 -21.90 5.08
C1 PGE F . 4.93 -1.99 -21.11
O1 PGE F . 4.07 -2.17 -20.00
C2 PGE F . 5.69 -0.66 -20.97
O2 PGE F . 4.80 0.43 -20.77
C3 PGE F . 5.28 1.67 -21.29
C4 PGE F . 4.27 2.26 -22.26
O4 PGE F . 0.69 5.03 -21.20
C6 PGE F . 1.92 5.09 -21.93
C5 PGE F . 2.37 3.70 -22.36
O3 PGE F . 3.55 3.34 -21.65
C1 PGE G . 5.23 14.62 -1.68
O1 PGE G . 3.99 14.53 -2.39
C2 PGE G . 5.15 13.97 -0.30
O2 PGE G . 4.98 12.55 -0.39
C3 PGE G . 5.95 11.80 0.37
C4 PGE G . 5.31 10.91 1.45
O4 PGE G . 5.99 6.34 2.47
C6 PGE G . 5.14 7.18 1.65
C5 PGE G . 5.18 8.63 2.13
O3 PGE G . 5.14 9.55 1.04
CL CL H . 43.25 36.34 11.36
C1 0RP I . -2.54 3.81 -2.00
C2 0RP I . -1.98 3.63 -3.38
C3 0RP I . -0.74 2.70 -3.38
C4 0RP I . -0.19 2.66 -4.85
C5 0RP I . 0.21 1.22 -5.28
C6 0RP I . -0.99 0.34 -5.04
C7 0RP I . -1.61 -0.43 -6.05
C8 0RP I . -2.68 -1.27 -5.72
C9 0RP I . -3.09 -1.41 -4.37
C10 0RP I . -2.48 -0.65 -3.37
C11 0RP I . -1.42 0.29 -3.69
N1 0RP I . -1.08 1.35 -2.82
C12 0RP I . -0.66 1.15 -1.44
O1 0RP I . -0.33 2.05 -0.68
O2 0RP I . -0.56 -0.14 -1.03
C13 0RP I . -0.09 -0.37 0.32
C14 0RP I . -1.17 0.06 1.34
C15 0RP I . -3.52 -1.91 -6.84
F1 0RP I . -4.43 -1.07 -7.35
F2 0RP I . -4.20 -2.98 -6.45
F3 0RP I . -2.85 -2.30 -7.95
N2 0RP I . 0.76 1.11 -6.66
C16 0RP I . 0.32 2.07 -7.72
C17 0RP I . 1.07 3.35 -7.69
C18 0RP I . 0.55 4.45 -8.34
C19 0RP I . 1.33 5.63 -8.43
C20 0RP I . 2.58 5.72 -7.82
C21 0RP I . 3.05 4.61 -7.15
C22 0RP I . 2.33 3.42 -7.07
C23 0RP I . 4.38 4.67 -6.45
F4 0RP I . 4.50 5.66 -5.58
F5 0RP I . 4.69 3.56 -5.77
F6 0RP I . 5.39 4.82 -7.31
C24 0RP I . 0.85 6.76 -9.30
F7 0RP I . 1.45 6.74 -10.50
F8 0RP I . -0.48 6.82 -9.53
F9 0RP I . 1.13 7.95 -8.82
C25 0RP I . 1.57 0.03 -7.03
O3 0RP I . 1.88 -0.89 -6.26
O4 0RP I . 2.01 0.05 -8.32
C26 0RP I . 2.81 -1.06 -8.78
#